data_7NWD
#
_entry.id   7NWD
#
loop_
_entity.id
_entity.type
_entity.pdbx_description
1 polymer c-kit2_py1
2 non-polymer 'POTASSIUM ION'
#
_entity_poly.entity_id   1
_entity_poly.type   'polydeoxyribonucleotide'
_entity_poly.pdbx_seq_one_letter_code
;(UTB)(DG)(DG)(DG)(DC)(DG)(DG)(DG)(DC)(DG)(DC)(DT)(DA)(DG)(DG)(DG)(DA)(DG)(DG)
(DG)(DT)
;
_entity_poly.pdbx_strand_id   A
#
loop_
_chem_comp.id
_chem_comp.type
_chem_comp.name
_chem_comp.formula
DA DNA linking 2'-DEOXYADENOSINE-5'-MONOPHOSPHATE 'C10 H14 N5 O6 P'
DC DNA linking 2'-DEOXYCYTIDINE-5'-MONOPHOSPHATE 'C9 H14 N3 O7 P'
DG DNA linking 2'-DEOXYGUANOSINE-5'-MONOPHOSPHATE 'C10 H14 N5 O7 P'
DT DNA linking THYMIDINE-5'-MONOPHOSPHATE 'C10 H15 N2 O8 P'
K non-polymer 'POTASSIUM ION' 'K 1'
UTB non-polymer 1-[(2~{R},4~{S},5~{R})-5-(hydroxymethyl)-4-oxidanyl-oxolan-2-yl]-5-(2-pyren-1-ylethynyl)pyrimidine-2,4-dione 'C27 H20 N2 O5'
#
# COMPACT_ATOMS: atom_id res chain seq x y z
C4 UTB A 1 -2.01 -2.49 0.73
C5 UTB A 1 -0.91 -1.54 0.54
C2 UTB A 1 -0.67 -3.55 2.48
N1 UTB A 1 0.35 -2.62 2.24
O5' UTB A 1 1.01 -4.54 5.66
C5' UTB A 1 2.36 -4.90 5.35
C4' UTB A 1 2.98 -3.97 4.29
O4' UTB A 1 2.17 -4.04 3.12
C3' UTB A 1 3.01 -2.49 4.74
C2' UTB A 1 1.76 -1.90 4.14
O3' UTB A 1 4.10 -1.75 4.21
C1' UTB A 1 1.69 -2.73 2.86
C6 UTB A 1 0.21 -1.64 1.30
C7 UTB A 1 -0.95 -0.49 -0.47
O4 UTB A 1 -3.08 -2.49 0.12
N3 UTB A 1 -1.80 -3.43 1.71
O2 UTB A 1 -0.61 -4.43 3.35
C11 UTB A 1 -0.95 0.37 -1.31
C12 UTB A 1 -0.90 1.40 -2.35
C13 UTB A 1 0.26 2.19 -2.57
C14 UTB A 1 -2.03 1.58 -3.16
C15 UTB A 1 -2.01 2.53 -4.20
C16 UTB A 1 0.27 3.14 -3.61
C17 UTB A 1 -0.86 3.31 -4.43
C18 UTB A 1 1.41 2.04 -1.75
C19 UTB A 1 2.54 2.84 -1.98
C20 UTB A 1 1.41 3.94 -3.83
C21 UTB A 1 2.55 3.79 -3.00
C22 UTB A 1 3.68 4.59 -3.22
C23 UTB A 1 3.69 5.54 -4.25
C24 UTB A 1 1.43 4.89 -4.87
C25 UTB A 1 2.56 5.69 -5.09
C26 UTB A 1 0.29 5.04 -5.70
C27 UTB A 1 -0.85 4.25 -5.47
HO5' UTB A 1 0.51 -4.51 4.82
H5' UTB A 1 2.38 -5.93 4.96
H5'' UTB A 1 2.97 -4.86 6.24
H4' UTB A 1 4.00 -4.31 4.06
H3' UTB A 1 2.96 -2.39 5.81
H2'' UTB A 1 1.88 -0.85 3.90
H2' UTB A 1 0.88 -2.07 4.75
H1' UTB A 1 2.40 -2.26 2.19
H6 UTB A 1 1.02 -0.93 1.22
H3 UTB A 1 -2.52 -4.12 1.83
H19 UTB A 1 -2.91 0.99 -3.00
H20 UTB A 1 -2.88 2.68 -4.83
H12 UTB A 1 1.42 1.31 -0.95
H13 UTB A 1 3.41 2.73 -1.34
H14 UTB A 1 4.55 4.48 -2.59
H15 UTB A 1 4.55 6.16 -4.41
H16 UTB A 1 2.57 6.42 -5.88
H17 UTB A 1 0.30 5.76 -6.50
H18 UTB A 1 -1.72 4.38 -6.10
K K B . -3.93 6.41 3.28
K K C . -2.69 4.07 0.78
C4 UTB A 1 -2.51 -2.52 0.90
C5 UTB A 1 -1.34 -1.68 0.63
C2 UTB A 1 -1.22 -3.56 2.70
N1 UTB A 1 -0.13 -2.74 2.38
O5' UTB A 1 0.26 -5.30 5.60
C5' UTB A 1 1.63 -5.50 5.30
C4' UTB A 1 2.22 -4.32 4.50
O4' UTB A 1 1.58 -4.23 3.23
C3' UTB A 1 2.09 -2.97 5.22
C2' UTB A 1 1.20 -2.13 4.34
O3' UTB A 1 3.32 -2.31 5.47
C1' UTB A 1 1.20 -2.88 3.03
C6 UTB A 1 -0.22 -1.82 1.38
C7 UTB A 1 -1.37 -0.67 -0.43
O4 UTB A 1 -3.60 -2.47 0.32
N3 UTB A 1 -2.36 -3.41 1.93
O2 UTB A 1 -1.25 -4.38 3.62
C11 UTB A 1 -1.43 0.15 -1.30
C12 UTB A 1 -1.52 1.14 -2.38
C13 UTB A 1 -0.46 2.01 -2.70
C14 UTB A 1 -2.72 1.19 -3.12
C15 UTB A 1 -2.86 2.11 -4.17
C16 UTB A 1 -0.60 2.94 -3.76
C17 UTB A 1 -1.81 2.98 -4.49
C18 UTB A 1 0.76 1.99 -1.97
C19 UTB A 1 1.81 2.87 -2.30
C20 UTB A 1 0.44 3.82 -4.09
C21 UTB A 1 1.65 3.79 -3.36
C22 UTB A 1 2.70 4.68 -3.69
C23 UTB A 1 2.54 5.60 -4.74
C24 UTB A 1 0.28 4.75 -5.15
C25 UTB A 1 1.33 5.63 -5.47
C26 UTB A 1 -0.91 4.78 -5.88
C27 UTB A 1 -1.96 3.90 -5.56
HO5' UTB A 1 -0.19 -4.96 4.79
H5' UTB A 1 1.75 -6.41 4.71
H5'' UTB A 1 2.19 -5.62 6.22
H4' UTB A 1 3.28 -4.50 4.35
H3' UTB A 1 1.53 -3.10 6.13
H2'' UTB A 1 1.65 -1.14 4.17
H2' UTB A 1 0.23 -2.00 4.78
H1' UTB A 1 1.96 -2.42 2.40
H6 UTB A 1 0.64 -1.17 1.25
H3 UTB A 1 -3.14 -4.01 2.15
H19 UTB A 1 -3.51 0.51 -2.88
H20 UTB A 1 -3.78 2.14 -4.74
H12 UTB A 1 0.89 1.31 -1.15
H13 UTB A 1 2.73 2.85 -1.74
H14 UTB A 1 3.61 4.67 -3.12
H15 UTB A 1 3.33 6.28 -4.98
H16 UTB A 1 1.21 6.34 -6.28
H17 UTB A 1 -1.04 5.49 -6.69
H18 UTB A 1 -2.88 3.94 -6.12
K K B . -3.92 6.51 3.16
K K C . -2.58 4.17 0.84
C4 UTB A 1 -1.90 -2.48 0.78
C5 UTB A 1 -0.80 -1.60 0.41
C2 UTB A 1 -0.45 -3.41 2.51
N1 UTB A 1 0.59 -2.56 2.08
O5' UTB A 1 1.14 -4.07 5.58
C5' UTB A 1 2.44 -4.60 5.33
C4' UTB A 1 3.18 -3.91 4.17
O4' UTB A 1 2.40 -3.99 2.97
C3' UTB A 1 3.42 -2.41 4.41
C2' UTB A 1 2.24 -1.74 3.75
O3' UTB A 1 4.61 -1.94 3.80
C1' UTB A 1 1.98 -2.68 2.60
C6 UTB A 1 0.39 -1.66 1.07
C7 UTB A 1 -0.96 -0.64 -0.67
O4 UTB A 1 -3.02 -2.50 0.27
N3 UTB A 1 -1.63 -3.33 1.83
O2 UTB A 1 -0.37 -4.17 3.46
C11 UTB A 1 -1.10 0.15 -1.57
C12 UTB A 1 -1.25 1.10 -2.67
C13 UTB A 1 -0.28 2.09 -2.93
C14 UTB A 1 -2.38 0.98 -3.50
C15 UTB A 1 -2.56 1.86 -4.58
C16 UTB A 1 -0.46 2.96 -4.02
C17 UTB A 1 -1.61 2.85 -4.84
C18 UTB A 1 0.88 2.22 -2.14
C19 UTB A 1 1.85 3.19 -2.43
C20 UTB A 1 0.50 3.95 -4.32
C21 UTB A 1 1.67 4.06 -3.52
C22 UTB A 1 2.64 5.04 -3.81
C23 UTB A 1 2.45 5.91 -4.90
C24 UTB A 1 0.32 4.82 -5.41
C25 UTB A 1 1.30 5.80 -5.70
C26 UTB A 1 -0.82 4.71 -6.21
C27 UTB A 1 -1.78 3.72 -5.94
HO5' UTB A 1 0.60 -4.23 4.77
H5' UTB A 1 2.36 -5.66 5.10
H5'' UTB A 1 3.04 -4.49 6.24
H4' UTB A 1 4.13 -4.41 4.04
H3' UTB A 1 3.40 -2.14 5.46
H2'' UTB A 1 2.49 -0.75 3.38
H2' UTB A 1 1.38 -1.70 4.43
H1' UTB A 1 2.65 -2.35 1.79
H6 UTB A 1 1.20 -1.00 0.84
H3 UTB A 1 -2.33 -4.02 2.06
H19 UTB A 1 -3.12 0.21 -3.29
H20 UTB A 1 -3.45 1.77 -5.21
H12 UTB A 1 1.04 1.56 -1.30
H13 UTB A 1 2.74 3.26 -1.82
H14 UTB A 1 3.52 5.13 -3.20
H15 UTB A 1 3.19 6.67 -5.13
H16 UTB A 1 1.16 6.46 -6.54
H17 UTB A 1 -0.95 5.36 -7.07
H18 UTB A 1 -2.65 3.62 -6.57
K K B . -4.04 6.50 3.18
K K C . -2.41 4.04 0.93
C4 UTB A 1 -2.39 -3.05 1.17
C5 UTB A 1 -1.35 -2.11 0.76
C2 UTB A 1 -0.78 -3.94 2.80
N1 UTB A 1 0.18 -3.03 2.33
O5' UTB A 1 1.14 -4.61 5.82
C5' UTB A 1 2.44 -5.00 5.41
C4' UTB A 1 2.99 -4.17 4.23
O4' UTB A 1 2.13 -4.32 3.11
C3' UTB A 1 3.09 -2.67 4.53
C2' UTB A 1 1.80 -2.11 3.96
O3' UTB A 1 4.19 -2.00 3.91
C1' UTB A 1 1.59 -3.04 2.79
C6 UTB A 1 -0.13 -2.13 1.34
C7 UTB A 1 -1.63 -1.12 -0.28
O4 UTB A 1 -3.53 -3.13 0.74
N3 UTB A 1 -2.01 -3.91 2.19
O2 UTB A 1 -0.58 -4.74 3.71
C11 UTB A 1 -1.86 -0.31 -1.13
C12 UTB A 1 -2.16 0.68 -2.17
C13 UTB A 1 -1.19 1.62 -2.58
C14 UTB A 1 -3.42 0.63 -2.78
C15 UTB A 1 -3.74 1.54 -3.81
C16 UTB A 1 -1.52 2.55 -3.61
C17 UTB A 1 -2.80 2.51 -4.21
C18 UTB A 1 0.10 1.67 -2.00
C19 UTB A 1 1.04 2.63 -2.43
C20 UTB A 1 -0.58 3.51 -4.02
C21 UTB A 1 0.70 3.56 -3.43
C22 UTB A 1 1.63 4.53 -3.84
C23 UTB A 1 1.29 5.46 -4.85
C24 UTB A 1 -0.91 4.43 -5.05
C25 UTB A 1 0.02 5.40 -5.45
C26 UTB A 1 -2.19 4.39 -5.63
C27 UTB A 1 -3.13 3.43 -5.22
HO5' UTB A 1 0.52 -4.70 5.06
H5' UTB A 1 2.42 -6.04 5.11
H5'' UTB A 1 3.13 -4.91 6.25
H4' UTB A 1 3.98 -4.55 3.97
H3' UTB A 1 3.09 -2.47 5.60
H2'' UTB A 1 1.91 -1.08 3.63
H2' UTB A 1 0.98 -2.20 4.67
H1' UTB A 1 2.20 -2.64 1.98
H6 UTB A 1 0.64 -1.41 1.08
H3 UTB A 1 -2.68 -4.61 2.46
H19 UTB A 1 -4.15 -0.10 -2.46
H20 UTB A 1 -4.71 1.50 -4.28
H12 UTB A 1 0.38 0.98 -1.23
H13 UTB A 1 2.02 2.65 -1.97
H14 UTB A 1 2.60 4.58 -3.36
H15 UTB A 1 2.01 6.21 -5.14
H16 UTB A 1 -0.23 6.10 -6.24
H17 UTB A 1 -2.45 5.09 -6.41
H18 UTB A 1 -4.11 3.40 -5.68
K K B . -3.99 6.33 3.23
K K C . -2.67 4.09 0.92
C4 UTB A 1 -2.64 -3.57 1.61
C5 UTB A 1 -1.61 -2.63 1.20
C2 UTB A 1 -1.09 -4.32 3.37
N1 UTB A 1 -0.14 -3.41 2.89
O5' UTB A 1 0.80 -4.78 6.37
C5' UTB A 1 2.12 -5.21 6.03
C4' UTB A 1 2.68 -4.47 4.81
O4' UTB A 1 1.80 -4.65 3.71
C3' UTB A 1 2.78 -2.94 5.05
C2' UTB A 1 1.51 -2.39 4.44
O3' UTB A 1 3.86 -2.33 4.37
C1' UTB A 1 1.27 -3.39 3.34
C6 UTB A 1 -0.42 -2.57 1.84
C7 UTB A 1 -1.85 -1.70 0.09
O4 UTB A 1 -3.74 -3.71 1.08
N3 UTB A 1 -2.30 -4.34 2.70
O2 UTB A 1 -0.91 -5.09 4.31
C11 UTB A 1 -2.03 -0.93 -0.82
C12 UTB A 1 -2.28 0.00 -1.90
C13 UTB A 1 -1.31 0.97 -2.28
C14 UTB A 1 -3.52 -0.06 -2.55
C15 UTB A 1 -3.83 0.86 -3.57
C16 UTB A 1 -1.64 1.90 -3.29
C17 UTB A 1 -2.89 1.86 -3.93
C18 UTB A 1 -0.05 1.03 -1.66
C19 UTB A 1 0.89 2.01 -2.04
C20 UTB A 1 -0.71 2.90 -3.66
C21 UTB A 1 0.56 2.95 -3.04
C22 UTB A 1 1.47 3.96 -3.39
C23 UTB A 1 1.13 4.90 -4.38
C24 UTB A 1 -1.05 3.84 -4.65
C25 UTB A 1 -0.12 4.85 -5.00
C26 UTB A 1 -2.32 3.81 -5.25
C27 UTB A 1 -3.23 2.81 -4.90
HO5' UTB A 1 0.24 -4.89 5.57
H5' UTB A 1 2.10 -6.28 5.81
H5'' UTB A 1 2.78 -5.06 6.89
H4' UTB A 1 3.66 -4.87 4.58
H3' UTB A 1 2.80 -2.69 6.10
H2'' UTB A 1 1.66 -1.40 4.03
H2' UTB A 1 0.70 -2.38 5.17
H1' UTB A 1 1.88 -3.04 2.51
H6 UTB A 1 0.33 -1.85 1.56
H3 UTB A 1 -3.01 -4.98 3.04
H19 UTB A 1 -4.25 -0.80 -2.26
H20 UTB A 1 -4.79 0.83 -4.06
H12 UTB A 1 0.21 0.33 -0.88
H13 UTB A 1 1.85 2.05 -1.56
H14 UTB A 1 2.44 4.02 -2.91
H15 UTB A 1 1.83 5.68 -4.64
H16 UTB A 1 -0.38 5.58 -5.76
H17 UTB A 1 -2.58 4.56 -5.98
H18 UTB A 1 -4.21 2.78 -5.37
K K B . -3.91 6.42 3.21
K K C . -2.51 4.12 0.92
C4 UTB A 1 -2.45 -3.25 1.63
C5 UTB A 1 -1.46 -2.30 1.16
C2 UTB A 1 -0.85 -3.94 3.35
N1 UTB A 1 0.08 -3.04 2.81
O5' UTB A 1 1.21 -4.59 6.30
C5' UTB A 1 2.50 -4.97 5.84
C4' UTB A 1 2.96 -4.17 4.61
O4' UTB A 1 2.00 -4.34 3.57
C3' UTB A 1 3.04 -2.66 4.91
C2' UTB A 1 1.79 -2.07 4.31
O3' UTB A 1 4.21 -2.06 4.37
C1' UTB A 1 1.51 -3.05 3.20
C6 UTB A 1 -0.24 -2.23 1.76
C7 UTB A 1 -1.71 -1.40 0.04
O4 UTB A 1 -3.58 -3.42 1.18
N3 UTB A 1 -2.07 -4.00 2.72
O2 UTB A 1 -0.65 -4.65 4.34
C11 UTB A 1 -1.88 -0.65 -0.89
C12 UTB A 1 -2.05 0.28 -1.99
C13 UTB A 1 -1.01 1.16 -2.37
C14 UTB A 1 -3.27 0.28 -2.69
C15 UTB A 1 -3.46 1.18 -3.76
C16 UTB A 1 -1.20 2.05 -3.45
C17 UTB A 1 -2.43 2.05 -4.14
C18 UTB A 1 0.23 1.17 -1.68
C19 UTB A 1 1.27 2.04 -2.08
C20 UTB A 1 -0.16 2.93 -3.84
C21 UTB A 1 1.06 2.92 -3.16
C22 UTB A 1 2.09 3.81 -3.55
C23 UTB A 1 1.88 4.70 -4.62
C24 UTB A 1 -0.37 3.82 -4.92
C25 UTB A 1 0.65 4.70 -5.31
C26 UTB A 1 -1.60 3.82 -5.61
C27 UTB A 1 -2.63 2.93 -5.22
HO5' UTB A 1 0.60 -4.60 5.54
H5' UTB A 1 2.49 -6.04 5.57
H5'' UTB A 1 3.22 -4.83 6.64
H4' UTB A 1 3.93 -4.54 4.28
H3' UTB A 1 2.98 -2.47 5.98
H2'' UTB A 1 1.96 -1.07 3.92
H2' UTB A 1 0.98 -2.08 5.04
H1' UTB A 1 2.09 -2.71 2.34
H6 UTB A 1 0.50 -1.52 1.45
H3 UTB A 1 -2.71 -4.73 3.01
H19 UTB A 1 -4.06 -0.39 -2.39
H20 UTB A 1 -4.41 1.19 -4.30
H12 UTB A 1 0.41 0.51 -0.85
H13 UTB A 1 2.21 2.03 -1.56
H14 UTB A 1 3.03 3.81 -3.02
H15 UTB A 1 2.66 5.39 -4.91
H16 UTB A 1 0.51 5.39 -6.13
H17 UTB A 1 -1.76 4.50 -6.44
H18 UTB A 1 -3.57 2.93 -5.76
K K B . -3.92 6.46 3.32
K K C . -2.57 4.12 0.87
C4 UTB A 1 -3.08 -3.21 1.78
C5 UTB A 1 -2.06 -2.33 1.19
C2 UTB A 1 -1.42 -3.78 3.50
N1 UTB A 1 -0.47 -3.01 2.82
O5' UTB A 1 0.88 -4.42 6.33
C5' UTB A 1 2.15 -4.82 5.80
C4' UTB A 1 2.51 -4.11 4.49
O4' UTB A 1 1.45 -4.32 3.56
C3' UTB A 1 2.67 -2.58 4.64
C2' UTB A 1 1.36 -2.01 4.14
O3' UTB A 1 3.77 -2.04 3.91
C1' UTB A 1 0.98 -3.06 3.13
C6 UTB A 1 -0.82 -2.27 1.73
C7 UTB A 1 -2.33 -1.45 0.07
O4 UTB A 1 -4.25 -3.34 1.41
N3 UTB A 1 -2.67 -3.88 2.91
O2 UTB A 1 -1.24 -4.31 4.59
C11 UTB A 1 -2.48 -0.68 -0.85
C12 UTB A 1 -2.60 0.30 -1.93
C13 UTB A 1 -1.52 1.18 -2.22
C14 UTB A 1 -3.80 0.38 -2.66
C15 UTB A 1 -3.95 1.35 -3.67
C16 UTB A 1 -1.68 2.16 -3.23
C17 UTB A 1 -2.91 2.25 -3.95
C18 UTB A 1 -0.29 1.08 -1.54
C19 UTB A 1 0.76 1.96 -1.85
C20 UTB A 1 -0.63 3.04 -3.53
C21 UTB A 1 0.60 2.95 -2.83
C22 UTB A 1 1.64 3.84 -3.13
C23 UTB A 1 1.46 4.84 -4.11
C24 UTB A 1 -0.80 4.03 -4.52
C25 UTB A 1 0.25 4.93 -4.81
C26 UTB A 1 -2.01 4.12 -5.23
C27 UTB A 1 -3.06 3.23 -4.94
HO5' UTB A 1 0.21 -4.52 5.60
H5' UTB A 1 2.13 -5.90 5.61
H5'' UTB A 1 2.93 -4.61 6.53
H4' UTB A 1 3.43 -4.54 4.09
H3' UTB A 1 2.75 -2.30 5.69
H2'' UTB A 1 1.50 -1.05 3.67
H2' UTB A 1 0.62 -1.96 4.93
H1' UTB A 1 1.52 -2.81 2.21
H6 UTB A 1 -0.06 -1.61 1.33
H3 UTB A 1 -3.34 -4.47 3.35
H19 UTB A 1 -4.61 -0.30 -2.44
H20 UTB A 1 -4.88 1.42 -4.22
H12 UTB A 1 -0.14 0.35 -0.77
H13 UTB A 1 1.71 1.88 -1.32
H14 UTB A 1 2.59 3.77 -2.61
H15 UTB A 1 2.26 5.54 -4.31
H16 UTB A 1 0.12 5.70 -5.57
H17 UTB A 1 -2.14 4.87 -6.00
H18 UTB A 1 -3.99 3.30 -5.48
K K B . -4.07 6.65 3.42
K K C . -2.78 4.23 1.07
C4 UTB A 1 -2.16 -3.01 0.64
C5 UTB A 1 -1.13 -2.00 0.48
C2 UTB A 1 -0.86 -3.92 2.51
N1 UTB A 1 0.15 -2.98 2.24
O5' UTB A 1 0.92 -5.23 5.51
C5' UTB A 1 2.27 -5.49 5.12
C4' UTB A 1 2.79 -4.38 4.20
O4' UTB A 1 1.99 -4.38 3.03
C3' UTB A 1 2.72 -2.98 4.83
C2' UTB A 1 1.58 -2.28 4.13
O3' UTB A 1 3.91 -2.22 4.71
C1' UTB A 1 1.49 -3.06 2.84
C6 UTB A 1 -0.03 -2.02 1.28
C7 UTB A 1 -1.23 -0.96 -0.53
O4 UTB A 1 -3.17 -3.14 -0.05
N3 UTB A 1 -1.96 -3.88 1.70
O2 UTB A 1 -0.81 -4.75 3.42
C11 UTB A 1 -1.29 -0.09 -1.36
C12 UTB A 1 -1.34 0.96 -2.37
C13 UTB A 1 -0.23 1.82 -2.58
C14 UTB A 1 -2.51 1.11 -3.14
C15 UTB A 1 -2.58 2.10 -4.13
C16 UTB A 1 -0.33 2.84 -3.55
C17 UTB A 1 -1.50 2.98 -4.33
C18 UTB A 1 0.95 1.69 -1.82
C19 UTB A 1 2.02 2.59 -2.00
C20 UTB A 1 0.74 3.74 -3.73
C21 UTB A 1 1.91 3.63 -2.94
C22 UTB A 1 2.94 4.57 -3.07
C23 UTB A 1 2.82 5.62 -4.01
C24 UTB A 1 0.64 4.78 -4.68
C25 UTB A 1 1.68 5.71 -4.83
C26 UTB A 1 -0.52 4.90 -5.47
C27 UTB A 1 -1.60 4.00 -5.29
HO5' UTB A 1 0.39 -5.10 4.70
H5' UTB A 1 2.32 -6.44 4.59
H5'' UTB A 1 2.91 -5.54 6.00
H4' UTB A 1 3.83 -4.61 3.92
H3' UTB A 1 2.42 -3.05 5.86
H2'' UTB A 1 1.81 -1.24 3.93
H2' UTB A 1 0.66 -2.38 4.70
H1' UTB A 1 2.20 -2.58 2.15
H6 UTB A 1 0.76 -1.28 1.20
H3 UTB A 1 -2.70 -4.54 1.87
H19 UTB A 1 -3.35 0.46 -2.97
H20 UTB A 1 -3.48 2.22 -4.72
H12 UTB A 1 1.05 0.91 -1.08
H13 UTB A 1 2.91 2.49 -1.41
H14 UTB A 1 3.81 4.50 -2.44
H15 UTB A 1 3.61 6.34 -4.09
H16 UTB A 1 1.60 6.51 -5.54
H17 UTB A 1 -0.61 5.70 -6.19
H18 UTB A 1 -2.48 4.11 -5.89
K K B . -3.79 6.47 3.10
K K C . -2.67 3.94 0.79
C4 UTB A 1 -2.69 -2.52 0.96
C5 UTB A 1 -1.55 -1.67 0.62
C2 UTB A 1 -1.31 -3.43 2.78
N1 UTB A 1 -0.23 -2.68 2.31
O5' UTB A 1 0.53 -4.66 5.82
C5' UTB A 1 1.84 -5.05 5.39
C4' UTB A 1 2.38 -4.16 4.27
O4' UTB A 1 1.47 -4.20 3.17
C3' UTB A 1 2.52 -2.67 4.67
C2' UTB A 1 1.34 -1.99 4.04
O3' UTB A 1 3.69 -2.03 4.20
C1' UTB A 1 1.13 -2.87 2.83
C6 UTB A 1 -0.38 -1.78 1.29
C7 UTB A 1 -1.64 -0.70 -0.47
O4 UTB A 1 -3.78 -2.53 0.43
N3 UTB A 1 -2.48 -3.35 2.06
O2 UTB A 1 -1.31 -4.08 3.82
C11 UTB A 1 -1.69 0.12 -1.34
C12 UTB A 1 -1.74 1.13 -2.41
C13 UTB A 1 -0.64 1.95 -2.70
C14 UTB A 1 -2.94 1.28 -3.12
C15 UTB A 1 -3.06 2.26 -4.12
C16 UTB A 1 -0.75 2.95 -3.71
C17 UTB A 1 -1.97 3.10 -4.41
C18 UTB A 1 0.59 1.81 -2.02
C19 UTB A 1 1.68 2.66 -2.32
C20 UTB A 1 0.33 3.80 -4.00
C21 UTB A 1 1.55 3.66 -3.30
C22 UTB A 1 2.63 4.52 -3.57
C23 UTB A 1 2.49 5.53 -4.53
C24 UTB A 1 0.20 4.81 -4.97
C25 UTB A 1 1.27 5.68 -5.23
C26 UTB A 1 -1.02 4.96 -5.66
C27 UTB A 1 -2.10 4.11 -5.38
HO5' UTB A 1 -0.01 -4.56 5.00
H5' UTB A 1 1.81 -6.08 5.02
H5'' UTB A 1 2.52 -5.03 6.23
H4' UTB A 1 3.35 -4.55 3.94
H3' UTB A 1 2.43 -2.55 5.74
H2'' UTB A 1 1.59 -0.97 3.73
H2' UTB A 1 0.48 -2.00 4.69
H1' UTB A 1 1.85 -2.54 2.07
H6 UTB A 1 0.47 -1.16 1.07
H3 UTB A 1 -3.25 -3.93 2.33
H19 UTB A 1 -3.79 0.64 -2.89
H20 UTB A 1 -4.00 2.38 -4.67
H12 UTB A 1 0.71 1.05 -1.25
H13 UTB A 1 2.62 2.53 -1.78
H14 UTB A 1 3.55 4.42 -3.02
H15 UTB A 1 3.31 6.22 -4.71
H16 UTB A 1 1.17 6.47 -5.97
H17 UTB A 1 -1.13 5.76 -6.40
H18 UTB A 1 -3.03 4.24 -5.91
K K B . -3.79 6.60 3.26
K K C . -2.66 4.16 0.98
C4 UTB A 1 -2.76 -3.34 1.63
C5 UTB A 1 -1.73 -2.46 1.09
C2 UTB A 1 -1.18 -3.92 3.41
N1 UTB A 1 -0.21 -3.13 2.79
O5' UTB A 1 0.77 -4.82 6.33
C5' UTB A 1 2.03 -5.25 5.84
C4' UTB A 1 2.55 -4.35 4.70
O4' UTB A 1 1.70 -4.46 3.55
C3' UTB A 1 2.62 -2.87 5.10
C2' UTB A 1 1.53 -2.17 4.32
O3' UTB A 1 3.92 -2.32 4.91
C1' UTB A 1 1.23 -3.16 3.20
C6 UTB A 1 -0.51 -2.38 1.69
C7 UTB A 1 -1.99 -1.58 -0.05
O4 UTB A 1 -3.88 -3.56 1.16
N3 UTB A 1 -2.41 -3.98 2.79
O2 UTB A 1 -1.00 -4.58 4.43
C11 UTB A 1 -2.18 -0.81 -0.96
C12 UTB A 1 -2.40 0.14 -2.04
C13 UTB A 1 -1.39 1.07 -2.41
C14 UTB A 1 -3.64 0.16 -2.70
C15 UTB A 1 -3.90 1.09 -3.71
C16 UTB A 1 -1.65 2.01 -3.43
C17 UTB A 1 -2.91 2.04 -4.07
C18 UTB A 1 -0.11 1.06 -1.78
C19 UTB A 1 0.87 1.98 -2.17
C20 UTB A 1 -0.65 2.94 -3.81
C21 UTB A 1 0.61 2.92 -3.17
C22 UTB A 1 1.59 3.86 -3.55
C23 UTB A 1 1.33 4.79 -4.56
C24 UTB A 1 -0.92 3.89 -4.83
C25 UTB A 1 0.07 4.81 -5.20
C26 UTB A 1 -2.18 3.91 -5.46
C27 UTB A 1 -3.17 2.98 -5.08
HO5' UTB A 1 0.11 -4.82 5.60
H5' UTB A 1 1.95 -6.27 5.47
H5'' UTB A 1 2.76 -5.23 6.64
H4' UTB A 1 3.55 -4.69 4.42
H3' UTB A 1 2.30 -2.75 6.12
H2'' UTB A 1 1.86 -1.22 3.93
H2' UTB A 1 0.65 -2.04 4.96
H1' UTB A 1 1.81 -2.81 2.34
H6 UTB A 1 0.26 -1.71 1.33
H3 UTB A 1 -3.12 -4.52 3.25
H19 UTB A 1 -4.40 -0.56 -2.41
H20 UTB A 1 -4.86 1.10 -4.22
H12 UTB A 1 0.10 0.35 -1.00
H13 UTB A 1 1.85 1.97 -1.68
H14 UTB A 1 2.56 3.86 -3.05
H15 UTB A 1 2.08 5.52 -4.85
H16 UTB A 1 -0.12 5.55 -5.97
H17 UTB A 1 -2.38 4.65 -6.22
H18 UTB A 1 -4.14 3.01 -5.56
K K B . -4.07 6.67 3.37
K K C . -2.75 4.30 0.90
#